data_2Z4S
#
_entry.id   2Z4S
#
_cell.length_a   221.817
_cell.length_b   221.817
_cell.length_c   55.602
_cell.angle_alpha   90.00
_cell.angle_beta   90.00
_cell.angle_gamma   120.00
#
_symmetry.space_group_name_H-M   'H 3 2'
#
loop_
_entity.id
_entity.type
_entity.pdbx_description
1 polymer 'Chromosomal replication initiator protein dnaA'
2 non-polymer 'MAGNESIUM ION'
3 non-polymer "ADENOSINE-5'-DIPHOSPHATE"
#
_entity_poly.entity_id   1
_entity_poly.type   'polypeptide(L)'
_entity_poly.pdbx_seq_one_letter_code
;MKERILQEIKTRVNRKSWELWFSSFDVKSIEGNKVVFSVGNLFIKEWLEKKYYSVLSKAVKVVLGNDATFEITYEAFEPH
SSYSEPLVKKRAVLLTPLNPDYTFENFVVGPGNSFAYHAALEVAKHPGRYNPLFIYGGVGLGKTHLLQSIGNYVVQNEPD
LRVMYITSEKFLNDLVDSMKEGKLNEFREKYRKKVDILLIDDVQFLIGKTGVQTELFHTFNELHDSGKQIVICSDREPQK
LSEFQDRLVSRFQMGLVAKLEPPDEETRKSIARKMLEIEHGELPEEVLNFVAENVDDNLRRLRGAIIKLLVYKETTGKEV
DLKEAILLLKDFIKPNRVKAMDPIDELIEIVAKVTGVPREEILSNSRNVKALTARRIGMYVAKNYLKSSLRTIAEKFNRS
HPVVVDSVKKVKDSLLKGNKQLKALIDEVIGEISRRALSG
;
_entity_poly.pdbx_strand_id   A
#
loop_
_chem_comp.id
_chem_comp.type
_chem_comp.name
_chem_comp.formula
ADP non-polymer ADENOSINE-5'-DIPHOSPHATE 'C10 H15 N5 O10 P2'
MG non-polymer 'MAGNESIUM ION' 'Mg 2'
#
# COMPACT_ATOMS: atom_id res chain seq x y z
N THR A 96 1.77 -14.19 -8.63
CA THR A 96 1.69 -13.55 -7.28
C THR A 96 3.09 -13.02 -6.84
N PRO A 97 3.47 -11.82 -7.31
CA PRO A 97 4.77 -11.29 -6.91
C PRO A 97 4.64 -10.25 -5.79
N LEU A 98 4.13 -10.67 -4.63
CA LEU A 98 3.96 -9.75 -3.51
C LEU A 98 5.30 -9.48 -2.84
N ASN A 99 5.43 -8.33 -2.19
CA ASN A 99 6.68 -7.98 -1.51
C ASN A 99 6.76 -8.51 -0.09
N PRO A 100 7.71 -9.43 0.18
CA PRO A 100 7.94 -10.07 1.47
C PRO A 100 7.96 -9.11 2.67
N ASP A 101 8.47 -7.90 2.49
CA ASP A 101 8.50 -6.95 3.58
C ASP A 101 7.10 -6.54 4.02
N TYR A 102 6.21 -6.36 3.04
CA TYR A 102 4.84 -5.96 3.32
C TYR A 102 4.00 -7.03 3.97
N THR A 103 4.14 -7.14 5.28
CA THR A 103 3.38 -8.12 6.04
C THR A 103 2.85 -7.37 7.25
N PHE A 104 1.85 -7.95 7.91
CA PHE A 104 1.31 -7.33 9.11
C PHE A 104 2.39 -7.29 10.19
N GLU A 105 3.22 -8.34 10.20
CA GLU A 105 4.29 -8.44 11.17
C GLU A 105 5.29 -7.28 11.09
N ASN A 106 5.50 -6.71 9.91
CA ASN A 106 6.44 -5.60 9.81
C ASN A 106 5.72 -4.27 9.89
N PHE A 107 4.47 -4.32 10.33
CA PHE A 107 3.69 -3.10 10.44
C PHE A 107 3.54 -2.72 11.90
N VAL A 108 4.16 -1.61 12.24
CA VAL A 108 4.11 -1.06 13.58
C VAL A 108 2.79 -0.29 13.73
N VAL A 109 2.01 -0.64 14.74
CA VAL A 109 0.74 0.06 14.96
C VAL A 109 0.87 1.31 15.82
N GLY A 110 -0.05 2.24 15.65
CA GLY A 110 -0.03 3.48 16.40
C GLY A 110 -1.36 4.17 16.25
N PRO A 111 -1.63 5.21 17.06
CA PRO A 111 -2.92 5.91 16.96
C PRO A 111 -3.35 6.25 15.53
N GLY A 112 -2.39 6.70 14.72
CA GLY A 112 -2.70 7.10 13.36
C GLY A 112 -2.91 6.02 12.30
N ASN A 113 -2.57 4.77 12.57
CA ASN A 113 -2.79 3.75 11.57
C ASN A 113 -3.36 2.46 12.12
N SER A 114 -3.83 2.48 13.35
CA SER A 114 -4.39 1.29 13.97
C SER A 114 -5.66 0.77 13.31
N PHE A 115 -6.68 1.61 13.21
CA PHE A 115 -7.92 1.13 12.61
C PHE A 115 -7.69 0.55 11.24
N ALA A 116 -6.89 1.24 10.45
CA ALA A 116 -6.57 0.77 9.11
C ALA A 116 -5.97 -0.63 9.23
N TYR A 117 -4.97 -0.74 10.08
CA TYR A 117 -4.28 -2.00 10.33
C TYR A 117 -5.24 -3.15 10.67
N HIS A 118 -6.19 -2.89 11.57
CA HIS A 118 -7.13 -3.92 11.96
C HIS A 118 -8.12 -4.27 10.88
N ALA A 119 -8.58 -3.25 10.16
CA ALA A 119 -9.52 -3.47 9.08
C ALA A 119 -8.86 -4.46 8.13
N ALA A 120 -7.63 -4.13 7.75
CA ALA A 120 -6.84 -4.97 6.86
C ALA A 120 -6.68 -6.41 7.37
N LEU A 121 -6.28 -6.53 8.64
CA LEU A 121 -6.08 -7.84 9.27
C LEU A 121 -7.38 -8.60 9.38
N GLU A 122 -8.44 -7.88 9.77
CA GLU A 122 -9.75 -8.48 9.90
C GLU A 122 -10.19 -9.05 8.54
N VAL A 123 -10.08 -8.22 7.50
CA VAL A 123 -10.45 -8.63 6.15
C VAL A 123 -9.60 -9.80 5.65
N ALA A 124 -8.33 -9.81 6.03
CA ALA A 124 -7.43 -10.87 5.60
C ALA A 124 -7.75 -12.19 6.27
N LYS A 125 -8.34 -12.11 7.46
CA LYS A 125 -8.69 -13.31 8.21
C LYS A 125 -10.04 -13.83 7.75
N HIS A 126 -10.87 -12.92 7.24
CA HIS A 126 -12.19 -13.29 6.76
C HIS A 126 -12.43 -12.70 5.37
N PRO A 127 -11.71 -13.19 4.35
CA PRO A 127 -11.94 -12.63 3.02
C PRO A 127 -13.40 -12.83 2.62
N GLY A 128 -14.09 -11.73 2.37
CA GLY A 128 -15.49 -11.83 1.99
C GLY A 128 -16.46 -11.24 2.98
N ARG A 129 -16.15 -11.33 4.27
CA ARG A 129 -17.02 -10.80 5.32
C ARG A 129 -17.24 -9.30 5.24
N TYR A 130 -16.32 -8.56 4.62
CA TYR A 130 -16.50 -7.13 4.50
C TYR A 130 -16.02 -6.67 3.14
N ASN A 131 -16.90 -6.72 2.15
CA ASN A 131 -16.56 -6.33 0.79
C ASN A 131 -17.17 -5.02 0.35
N PRO A 132 -16.33 -4.05 -0.03
CA PRO A 132 -14.88 -4.14 -0.06
C PRO A 132 -14.23 -3.31 1.05
N LEU A 133 -12.91 -3.29 1.05
CA LEU A 133 -12.15 -2.50 2.00
C LEU A 133 -11.55 -1.38 1.17
N PHE A 134 -11.70 -0.15 1.63
CA PHE A 134 -11.17 0.99 0.92
C PHE A 134 -10.28 1.78 1.84
N ILE A 135 -8.98 1.55 1.76
CA ILE A 135 -8.02 2.25 2.59
C ILE A 135 -7.54 3.50 1.85
N TYR A 136 -7.36 4.60 2.58
CA TYR A 136 -6.89 5.82 1.93
C TYR A 136 -6.05 6.66 2.89
N GLY A 137 -5.13 7.42 2.33
CA GLY A 137 -4.26 8.28 3.12
C GLY A 137 -3.18 8.87 2.24
N GLY A 138 -2.51 9.91 2.75
CA GLY A 138 -1.45 10.57 2.00
C GLY A 138 -0.34 9.64 1.56
N VAL A 139 0.70 10.20 0.97
CA VAL A 139 1.82 9.37 0.50
C VAL A 139 2.63 8.80 1.66
N GLY A 140 3.26 7.66 1.40
CA GLY A 140 4.06 7.00 2.41
C GLY A 140 3.41 6.91 3.77
N LEU A 141 2.28 6.20 3.88
CA LEU A 141 1.63 6.07 5.16
C LEU A 141 1.16 4.65 5.40
N GLY A 142 1.56 3.72 4.54
CA GLY A 142 1.16 2.35 4.77
C GLY A 142 0.18 1.68 3.82
N LYS A 143 -0.40 2.46 2.89
CA LYS A 143 -1.38 1.92 1.94
C LYS A 143 -0.89 0.68 1.18
N THR A 144 0.23 0.80 0.47
CA THR A 144 0.71 -0.34 -0.28
C THR A 144 1.05 -1.48 0.65
N HIS A 145 1.77 -1.14 1.71
CA HIS A 145 2.21 -2.11 2.68
C HIS A 145 1.05 -2.86 3.32
N LEU A 146 0.01 -2.14 3.69
CA LEU A 146 -1.15 -2.75 4.32
C LEU A 146 -1.85 -3.65 3.30
N LEU A 147 -2.05 -3.11 2.11
CA LEU A 147 -2.72 -3.83 1.04
C LEU A 147 -2.05 -5.16 0.70
N GLN A 148 -0.72 -5.16 0.59
CA GLN A 148 -0.04 -6.41 0.26
C GLN A 148 0.03 -7.37 1.43
N SER A 149 -0.08 -6.86 2.65
CA SER A 149 -0.06 -7.74 3.79
C SER A 149 -1.28 -8.64 3.65
N ILE A 150 -2.45 -8.04 3.41
CA ILE A 150 -3.68 -8.83 3.21
C ILE A 150 -3.32 -9.92 2.21
N GLY A 151 -2.57 -9.56 1.17
CA GLY A 151 -2.17 -10.51 0.15
C GLY A 151 -1.38 -11.63 0.77
N ASN A 152 -0.21 -11.29 1.29
CA ASN A 152 0.67 -12.28 1.90
C ASN A 152 0.03 -13.12 2.98
N TYR A 153 -0.72 -12.47 3.86
CA TYR A 153 -1.36 -13.19 4.93
C TYR A 153 -2.28 -14.25 4.36
N VAL A 154 -3.00 -13.91 3.30
CA VAL A 154 -3.94 -14.87 2.72
C VAL A 154 -3.24 -15.96 1.97
N VAL A 155 -2.05 -15.66 1.47
CA VAL A 155 -1.29 -16.66 0.73
C VAL A 155 -0.79 -17.75 1.68
N GLN A 156 -0.47 -17.36 2.91
CA GLN A 156 0.02 -18.32 3.87
C GLN A 156 -1.08 -19.10 4.60
N ASN A 157 -2.27 -18.53 4.73
CA ASN A 157 -3.33 -19.24 5.44
C ASN A 157 -4.37 -19.85 4.53
N GLU A 158 -4.45 -19.36 3.31
CA GLU A 158 -5.42 -19.88 2.35
C GLU A 158 -4.68 -20.17 1.06
N PRO A 159 -3.54 -20.87 1.14
CA PRO A 159 -2.79 -21.18 -0.08
C PRO A 159 -3.69 -21.62 -1.23
N ASP A 160 -4.85 -22.21 -0.91
CA ASP A 160 -5.77 -22.62 -1.94
C ASP A 160 -6.64 -21.45 -2.43
N LEU A 161 -6.01 -20.34 -2.76
CA LEU A 161 -6.73 -19.17 -3.24
C LEU A 161 -5.94 -18.34 -4.23
N ARG A 162 -6.64 -17.89 -5.26
CA ARG A 162 -6.08 -17.08 -6.33
C ARG A 162 -6.08 -15.62 -5.86
N VAL A 163 -4.95 -15.16 -5.32
CA VAL A 163 -4.85 -13.78 -4.86
C VAL A 163 -4.23 -12.89 -5.92
N MET A 164 -4.92 -11.79 -6.23
CA MET A 164 -4.47 -10.86 -7.25
C MET A 164 -4.19 -9.45 -6.75
N TYR A 165 -2.93 -9.04 -6.86
CA TYR A 165 -2.51 -7.70 -6.46
C TYR A 165 -2.25 -7.00 -7.78
N ILE A 166 -2.68 -5.76 -7.89
CA ILE A 166 -2.49 -5.05 -9.14
C ILE A 166 -2.43 -3.55 -8.91
N THR A 167 -2.19 -2.82 -9.98
CA THR A 167 -2.14 -1.38 -9.89
C THR A 167 -3.19 -0.79 -10.81
N SER A 168 -3.91 0.21 -10.32
CA SER A 168 -4.93 0.84 -11.13
C SER A 168 -4.32 1.12 -12.48
N GLU A 169 -3.07 1.60 -12.47
CA GLU A 169 -2.39 1.87 -13.72
C GLU A 169 -2.30 0.60 -14.56
N LYS A 170 -1.87 -0.51 -13.96
CA LYS A 170 -1.78 -1.73 -14.74
C LYS A 170 -3.16 -2.13 -15.23
N PHE A 171 -4.18 -1.84 -14.43
CA PHE A 171 -5.52 -2.18 -14.83
C PHE A 171 -5.78 -1.36 -16.10
N LEU A 172 -5.27 -0.13 -16.10
CA LEU A 172 -5.40 0.76 -17.25
C LEU A 172 -4.63 0.13 -18.41
N ASN A 173 -3.31 0.08 -18.32
CA ASN A 173 -2.52 -0.51 -19.38
C ASN A 173 -3.01 -1.87 -19.86
N ASP A 174 -3.58 -2.67 -18.96
CA ASP A 174 -4.07 -3.97 -19.36
C ASP A 174 -5.29 -3.88 -20.25
N LEU A 175 -6.21 -2.96 -19.94
CA LEU A 175 -7.40 -2.77 -20.76
C LEU A 175 -6.95 -2.28 -22.13
N VAL A 176 -6.20 -1.18 -22.15
CA VAL A 176 -5.70 -0.65 -23.41
C VAL A 176 -5.28 -1.76 -24.35
N ASP A 177 -4.30 -2.57 -23.95
CA ASP A 177 -3.88 -3.67 -24.80
C ASP A 177 -5.08 -4.52 -25.19
N SER A 178 -5.95 -4.78 -24.23
CA SER A 178 -7.15 -5.58 -24.46
C SER A 178 -7.92 -5.02 -25.64
N MET A 179 -8.01 -3.70 -25.70
CA MET A 179 -8.72 -3.00 -26.77
C MET A 179 -7.93 -3.09 -28.06
N LYS A 180 -6.66 -2.72 -27.98
CA LYS A 180 -5.80 -2.78 -29.14
C LYS A 180 -5.75 -4.21 -29.66
N GLU A 181 -5.02 -5.07 -28.96
CA GLU A 181 -4.89 -6.46 -29.40
C GLU A 181 -6.24 -7.13 -29.58
N GLY A 182 -7.29 -6.41 -29.22
CA GLY A 182 -8.62 -6.93 -29.38
C GLY A 182 -8.88 -8.21 -28.63
N LYS A 183 -8.79 -8.16 -27.30
CA LYS A 183 -9.07 -9.32 -26.48
C LYS A 183 -9.58 -8.96 -25.08
N LEU A 184 -10.87 -8.66 -25.02
CA LEU A 184 -11.55 -8.27 -23.80
C LEU A 184 -11.78 -9.50 -22.93
N ASN A 185 -11.95 -10.65 -23.57
CA ASN A 185 -12.18 -11.88 -22.82
C ASN A 185 -10.96 -12.23 -21.99
N GLU A 186 -9.81 -12.36 -22.65
CA GLU A 186 -8.57 -12.67 -21.95
C GLU A 186 -8.53 -11.83 -20.66
N PHE A 187 -8.89 -10.56 -20.80
CA PHE A 187 -8.92 -9.61 -19.69
C PHE A 187 -9.95 -10.01 -18.64
N ARG A 188 -11.22 -9.97 -18.99
CA ARG A 188 -12.26 -10.32 -18.01
C ARG A 188 -12.07 -11.67 -17.34
N GLU A 189 -11.49 -12.63 -18.06
CA GLU A 189 -11.23 -13.93 -17.46
C GLU A 189 -10.18 -13.73 -16.38
N LYS A 190 -9.19 -12.89 -16.68
CA LYS A 190 -8.09 -12.60 -15.75
C LYS A 190 -8.45 -11.80 -14.51
N TYR A 191 -9.27 -10.77 -14.65
CA TYR A 191 -9.60 -9.96 -13.48
C TYR A 191 -10.92 -10.33 -12.80
N ARG A 192 -11.53 -11.42 -13.24
CA ARG A 192 -12.77 -11.89 -12.62
C ARG A 192 -12.66 -13.40 -12.50
N LYS A 193 -13.16 -14.10 -13.51
CA LYS A 193 -13.12 -15.55 -13.56
C LYS A 193 -12.05 -16.18 -12.65
N LYS A 194 -10.79 -15.81 -12.86
CA LYS A 194 -9.70 -16.39 -12.08
C LYS A 194 -9.13 -15.61 -10.88
N VAL A 195 -9.99 -15.07 -10.03
CA VAL A 195 -9.52 -14.34 -8.85
C VAL A 195 -10.52 -14.47 -7.72
N ASP A 196 -10.02 -14.69 -6.51
CA ASP A 196 -10.87 -14.83 -5.35
C ASP A 196 -10.79 -13.53 -4.58
N ILE A 197 -9.60 -12.98 -4.52
CA ILE A 197 -9.41 -11.71 -3.87
C ILE A 197 -8.60 -10.86 -4.82
N LEU A 198 -9.06 -9.61 -5.01
CA LEU A 198 -8.45 -8.66 -5.92
C LEU A 198 -8.03 -7.43 -5.11
N LEU A 199 -6.73 -7.11 -5.12
CA LEU A 199 -6.23 -5.97 -4.36
C LEU A 199 -5.82 -4.93 -5.39
N ILE A 200 -6.37 -3.72 -5.33
CA ILE A 200 -5.99 -2.68 -6.31
C ILE A 200 -5.35 -1.49 -5.64
N ASP A 201 -4.12 -1.19 -6.02
CA ASP A 201 -3.38 -0.08 -5.42
C ASP A 201 -3.54 1.23 -6.17
N ASP A 202 -3.23 2.33 -5.49
CA ASP A 202 -3.32 3.67 -6.05
C ASP A 202 -4.38 3.82 -7.10
N VAL A 203 -5.60 4.08 -6.69
CA VAL A 203 -6.69 4.21 -7.63
C VAL A 203 -6.92 5.66 -8.05
N GLN A 204 -6.02 6.57 -7.69
CA GLN A 204 -6.18 7.97 -8.08
C GLN A 204 -5.62 8.11 -9.47
N PHE A 205 -5.19 6.98 -10.02
CA PHE A 205 -4.62 6.96 -11.35
C PHE A 205 -5.72 6.93 -12.38
N LEU A 206 -6.92 6.53 -11.95
CA LEU A 206 -8.07 6.43 -12.82
C LEU A 206 -8.89 7.72 -12.92
N ILE A 207 -8.39 8.80 -12.34
CA ILE A 207 -9.05 10.09 -12.42
C ILE A 207 -9.07 10.52 -13.89
N GLY A 208 -10.25 10.81 -14.41
CA GLY A 208 -10.35 11.22 -15.81
C GLY A 208 -10.49 10.01 -16.70
N LYS A 209 -9.77 8.94 -16.37
CA LYS A 209 -9.82 7.72 -17.17
C LYS A 209 -11.20 7.06 -17.09
N THR A 210 -12.25 7.79 -17.44
CA THR A 210 -13.61 7.23 -17.37
C THR A 210 -13.79 5.95 -18.19
N GLY A 211 -12.90 5.75 -19.15
CA GLY A 211 -12.99 4.53 -19.95
C GLY A 211 -12.80 3.36 -18.99
N VAL A 212 -11.59 3.29 -18.43
CA VAL A 212 -11.23 2.25 -17.47
C VAL A 212 -12.21 2.23 -16.30
N GLN A 213 -12.55 3.42 -15.79
CA GLN A 213 -13.48 3.52 -14.69
C GLN A 213 -14.71 2.64 -14.89
N THR A 214 -15.29 2.72 -16.09
CA THR A 214 -16.46 1.92 -16.40
C THR A 214 -16.18 0.43 -16.30
N GLU A 215 -15.11 -0.03 -16.93
CA GLU A 215 -14.74 -1.44 -16.91
C GLU A 215 -14.49 -1.92 -15.48
N LEU A 216 -13.80 -1.11 -14.70
CA LEU A 216 -13.49 -1.45 -13.31
C LEU A 216 -14.82 -1.64 -12.62
N PHE A 217 -15.73 -0.70 -12.86
CA PHE A 217 -17.07 -0.72 -12.29
C PHE A 217 -17.75 -2.10 -12.34
N HIS A 218 -17.82 -2.70 -13.52
CA HIS A 218 -18.45 -4.01 -13.65
C HIS A 218 -17.61 -5.11 -13.00
N THR A 219 -16.29 -5.06 -13.21
CA THR A 219 -15.37 -6.04 -12.64
C THR A 219 -15.70 -6.09 -11.16
N PHE A 220 -15.88 -4.92 -10.59
CA PHE A 220 -16.23 -4.78 -9.18
C PHE A 220 -17.48 -5.57 -8.91
N ASN A 221 -18.57 -5.15 -9.55
CA ASN A 221 -19.88 -5.78 -9.36
C ASN A 221 -19.92 -7.29 -9.54
N GLU A 222 -19.15 -7.82 -10.48
CA GLU A 222 -19.18 -9.25 -10.69
C GLU A 222 -18.47 -10.00 -9.56
N LEU A 223 -17.35 -9.45 -9.11
CA LEU A 223 -16.61 -10.07 -8.02
C LEU A 223 -17.46 -10.01 -6.75
N HIS A 224 -18.14 -8.88 -6.57
CA HIS A 224 -18.99 -8.67 -5.42
C HIS A 224 -20.19 -9.60 -5.38
N ASP A 225 -20.73 -9.96 -6.53
CA ASP A 225 -21.88 -10.86 -6.54
C ASP A 225 -21.46 -12.30 -6.31
N SER A 226 -20.16 -12.54 -6.24
CA SER A 226 -19.68 -13.90 -6.01
C SER A 226 -18.81 -14.03 -4.74
N GLY A 227 -18.93 -13.05 -3.86
CA GLY A 227 -18.20 -13.05 -2.60
C GLY A 227 -16.70 -12.87 -2.67
N LYS A 228 -16.18 -12.43 -3.81
CA LYS A 228 -14.75 -12.20 -3.96
C LYS A 228 -14.35 -10.91 -3.26
N GLN A 229 -13.34 -10.97 -2.39
CA GLN A 229 -12.91 -9.78 -1.66
C GLN A 229 -12.25 -8.73 -2.56
N ILE A 230 -12.64 -7.48 -2.37
CA ILE A 230 -12.09 -6.36 -3.14
C ILE A 230 -11.41 -5.43 -2.14
N VAL A 231 -10.22 -4.94 -2.46
CA VAL A 231 -9.56 -3.97 -1.57
C VAL A 231 -8.99 -2.88 -2.48
N ILE A 232 -9.31 -1.62 -2.17
CA ILE A 232 -8.86 -0.50 -2.96
C ILE A 232 -8.08 0.50 -2.10
N CYS A 233 -6.99 1.02 -2.62
CA CYS A 233 -6.19 2.00 -1.90
C CYS A 233 -6.19 3.26 -2.69
N SER A 234 -6.34 4.37 -2.00
CA SER A 234 -6.38 5.64 -2.69
C SER A 234 -5.68 6.68 -1.84
N ASP A 235 -5.09 7.67 -2.48
CA ASP A 235 -4.41 8.71 -1.75
C ASP A 235 -5.42 9.83 -1.48
N ARG A 236 -6.69 9.51 -1.66
CA ARG A 236 -7.78 10.45 -1.49
C ARG A 236 -9.02 9.64 -1.14
N GLU A 237 -9.94 10.20 -0.37
CA GLU A 237 -11.15 9.46 0.01
C GLU A 237 -12.17 9.37 -1.14
N PRO A 238 -13.08 8.38 -1.08
CA PRO A 238 -14.06 8.23 -2.14
C PRO A 238 -14.66 9.57 -2.57
N GLN A 239 -15.21 10.30 -1.61
CA GLN A 239 -15.82 11.58 -1.92
C GLN A 239 -14.90 12.64 -2.51
N LYS A 240 -13.61 12.56 -2.23
CA LYS A 240 -12.70 13.57 -2.76
C LYS A 240 -11.97 13.17 -4.05
N LEU A 241 -12.44 12.10 -4.70
CA LEU A 241 -11.86 11.65 -5.97
C LEU A 241 -12.45 12.41 -7.18
N SER A 242 -11.70 13.39 -7.66
CA SER A 242 -12.12 14.19 -8.82
C SER A 242 -12.31 13.34 -10.08
N GLU A 243 -13.23 13.76 -10.94
CA GLU A 243 -13.52 13.07 -12.20
C GLU A 243 -13.73 11.58 -12.00
N PHE A 244 -14.72 11.24 -11.17
CA PHE A 244 -15.00 9.85 -10.89
C PHE A 244 -16.50 9.51 -10.93
N GLN A 245 -16.83 8.48 -11.71
CA GLN A 245 -18.21 8.03 -11.82
C GLN A 245 -18.83 7.74 -10.45
N ASP A 246 -19.80 8.55 -10.05
CA ASP A 246 -20.49 8.38 -8.78
C ASP A 246 -20.85 6.93 -8.48
N ARG A 247 -21.15 6.16 -9.52
CA ARG A 247 -21.52 4.77 -9.30
C ARG A 247 -20.34 3.96 -8.79
N LEU A 248 -19.13 4.35 -9.21
CA LEU A 248 -17.92 3.69 -8.75
C LEU A 248 -17.70 4.14 -7.31
N VAL A 249 -17.61 5.45 -7.14
CA VAL A 249 -17.40 6.06 -5.83
C VAL A 249 -18.40 5.49 -4.81
N SER A 250 -19.60 5.16 -5.29
CA SER A 250 -20.61 4.59 -4.43
C SER A 250 -20.24 3.14 -4.09
N ARG A 251 -19.50 2.49 -4.99
CA ARG A 251 -19.07 1.12 -4.76
C ARG A 251 -17.96 1.12 -3.71
N PHE A 252 -17.20 2.21 -3.65
CA PHE A 252 -16.11 2.33 -2.71
C PHE A 252 -16.57 2.50 -1.26
N GLN A 253 -17.61 3.28 -1.04
CA GLN A 253 -18.12 3.52 0.31
C GLN A 253 -19.01 2.42 0.90
N MET A 254 -19.58 1.58 0.05
CA MET A 254 -20.48 0.51 0.48
C MET A 254 -19.83 -0.58 1.33
N GLY A 255 -18.67 -0.30 1.90
CA GLY A 255 -18.03 -1.29 2.73
C GLY A 255 -17.09 -0.58 3.69
N LEU A 256 -16.12 -1.35 4.22
CA LEU A 256 -15.13 -0.79 5.13
C LEU A 256 -14.34 0.32 4.45
N VAL A 257 -14.19 1.44 5.15
CA VAL A 257 -13.47 2.59 4.63
C VAL A 257 -12.54 3.16 5.69
N ALA A 258 -11.34 2.61 5.80
CA ALA A 258 -10.37 3.10 6.78
C ALA A 258 -9.49 4.24 6.28
N LYS A 259 -8.93 5.01 7.20
CA LYS A 259 -8.05 6.13 6.88
C LYS A 259 -6.70 6.09 7.63
N LEU A 260 -5.60 6.25 6.91
CA LEU A 260 -4.28 6.27 7.53
C LEU A 260 -3.88 7.72 7.75
N GLU A 261 -3.22 8.01 8.87
CA GLU A 261 -2.74 9.37 9.13
C GLU A 261 -1.26 9.25 9.56
N PRO A 262 -0.45 10.28 9.32
CA PRO A 262 0.95 10.21 9.71
C PRO A 262 1.15 9.86 11.18
N PRO A 263 2.22 9.10 11.50
CA PRO A 263 2.47 8.73 12.89
C PRO A 263 3.17 9.83 13.67
N ASP A 264 3.09 9.73 15.00
CA ASP A 264 3.75 10.69 15.88
C ASP A 264 5.23 10.28 16.03
N GLU A 265 6.00 11.13 16.69
CA GLU A 265 7.43 10.84 16.86
C GLU A 265 7.72 9.49 17.51
N GLU A 266 7.00 9.19 18.59
CA GLU A 266 7.20 7.91 19.26
C GLU A 266 7.02 6.75 18.30
N THR A 267 5.85 6.72 17.64
CA THR A 267 5.55 5.65 16.70
C THR A 267 6.53 5.61 15.54
N ARG A 268 6.91 6.79 15.04
CA ARG A 268 7.84 6.84 13.94
C ARG A 268 9.11 6.08 14.32
N LYS A 269 9.70 6.44 15.46
CA LYS A 269 10.92 5.80 15.93
C LYS A 269 10.85 4.29 15.92
N SER A 270 9.72 3.75 16.38
CA SER A 270 9.56 2.30 16.40
C SER A 270 9.51 1.80 14.96
N ILE A 271 8.90 2.58 14.08
CA ILE A 271 8.83 2.18 12.68
C ILE A 271 10.26 2.19 12.14
N ALA A 272 10.99 3.24 12.50
CA ALA A 272 12.38 3.38 12.09
C ALA A 272 13.15 2.14 12.48
N ARG A 273 12.99 1.71 13.73
CA ARG A 273 13.69 0.52 14.23
C ARG A 273 13.30 -0.73 13.46
N LYS A 274 11.99 -0.87 13.19
CA LYS A 274 11.49 -2.02 12.45
C LYS A 274 12.00 -2.01 11.04
N MET A 275 12.17 -0.81 10.47
CA MET A 275 12.68 -0.69 9.11
C MET A 275 14.08 -1.25 9.09
N LEU A 276 14.88 -0.87 10.09
CA LEU A 276 16.25 -1.36 10.23
C LEU A 276 16.32 -2.88 10.10
N GLU A 277 15.71 -3.59 11.05
CA GLU A 277 15.71 -5.04 11.01
C GLU A 277 15.53 -5.52 9.58
N ILE A 278 14.42 -5.13 8.97
CA ILE A 278 14.14 -5.55 7.61
C ILE A 278 15.38 -5.40 6.74
N GLU A 279 16.08 -4.27 6.86
CA GLU A 279 17.29 -4.04 6.05
C GLU A 279 18.55 -4.61 6.70
N HIS A 280 18.34 -5.26 7.84
CA HIS A 280 19.43 -5.88 8.59
C HIS A 280 20.55 -4.92 8.93
N GLY A 281 20.27 -3.63 8.86
CA GLY A 281 21.30 -2.65 9.17
C GLY A 281 21.39 -2.46 10.66
N GLU A 282 22.07 -1.39 11.06
CA GLU A 282 22.28 -1.01 12.46
C GLU A 282 22.64 0.47 12.49
N LEU A 283 22.33 1.14 13.58
CA LEU A 283 22.66 2.55 13.68
C LEU A 283 22.80 3.00 15.12
N PRO A 284 23.64 4.01 15.36
CA PRO A 284 23.86 4.52 16.71
C PRO A 284 22.52 4.94 17.29
N GLU A 285 22.20 4.41 18.47
CA GLU A 285 20.95 4.73 19.14
C GLU A 285 20.76 6.24 19.36
N GLU A 286 21.43 7.05 18.55
CA GLU A 286 21.36 8.50 18.63
C GLU A 286 21.16 9.03 17.21
N VAL A 287 21.59 8.26 16.23
CA VAL A 287 21.42 8.67 14.85
C VAL A 287 20.00 8.30 14.44
N LEU A 288 19.59 7.08 14.76
CA LEU A 288 18.24 6.62 14.43
C LEU A 288 17.29 7.65 15.00
N ASN A 289 17.50 7.97 16.28
CA ASN A 289 16.68 8.96 16.96
C ASN A 289 16.62 10.28 16.18
N PHE A 290 17.75 10.76 15.69
CA PHE A 290 17.75 12.00 14.94
C PHE A 290 16.95 11.84 13.65
N VAL A 291 17.15 10.71 12.97
CA VAL A 291 16.43 10.43 11.73
C VAL A 291 14.94 10.35 12.00
N ALA A 292 14.57 9.52 12.98
CA ALA A 292 13.18 9.31 13.36
C ALA A 292 12.47 10.61 13.72
N GLU A 293 13.20 11.57 14.24
CA GLU A 293 12.60 12.83 14.63
C GLU A 293 12.53 13.93 13.59
N ASN A 294 13.33 13.85 12.54
CA ASN A 294 13.31 14.94 11.58
C ASN A 294 12.94 14.61 10.14
N VAL A 295 12.74 13.33 9.87
CA VAL A 295 12.32 12.89 8.55
C VAL A 295 10.88 12.48 8.85
N ASP A 296 10.02 13.49 8.99
CA ASP A 296 8.63 13.31 9.35
C ASP A 296 7.60 13.45 8.24
N ASP A 297 8.04 13.52 6.99
CA ASP A 297 7.06 13.61 5.90
C ASP A 297 6.31 12.29 5.91
N ASN A 298 6.75 11.42 5.01
CA ASN A 298 6.15 10.10 4.88
C ASN A 298 7.16 9.06 5.29
N LEU A 299 6.68 7.83 5.37
CA LEU A 299 7.54 6.76 5.79
C LEU A 299 8.37 6.24 4.63
N ARG A 300 8.10 6.72 3.42
CA ARG A 300 8.88 6.26 2.26
C ARG A 300 10.26 6.89 2.37
N ARG A 301 10.28 8.19 2.70
CA ARG A 301 11.50 8.93 2.83
C ARG A 301 12.26 8.55 4.10
N LEU A 302 11.54 8.36 5.20
CA LEU A 302 12.15 7.96 6.46
C LEU A 302 13.00 6.73 6.19
N ARG A 303 12.42 5.74 5.53
CA ARG A 303 13.15 4.54 5.21
C ARG A 303 14.26 4.88 4.25
N GLY A 304 13.97 5.79 3.34
CA GLY A 304 14.97 6.20 2.36
C GLY A 304 16.25 6.61 3.06
N ALA A 305 16.11 7.50 4.04
CA ALA A 305 17.27 7.95 4.79
C ALA A 305 17.97 6.73 5.40
N ILE A 306 17.20 5.91 6.10
CA ILE A 306 17.71 4.70 6.74
C ILE A 306 18.45 3.82 5.75
N ILE A 307 18.04 3.87 4.49
CA ILE A 307 18.72 3.06 3.47
C ILE A 307 19.97 3.83 3.09
N LYS A 308 19.78 5.13 2.84
CA LYS A 308 20.88 6.01 2.46
C LYS A 308 22.09 5.77 3.35
N LEU A 309 21.93 6.03 4.65
CA LEU A 309 23.03 5.81 5.57
C LEU A 309 23.60 4.42 5.39
N LEU A 310 22.76 3.40 5.57
CA LEU A 310 23.23 2.02 5.43
C LEU A 310 24.14 1.85 4.20
N VAL A 311 23.77 2.48 3.09
CA VAL A 311 24.55 2.41 1.86
C VAL A 311 25.89 3.10 2.09
N TYR A 312 25.89 4.13 2.93
CA TYR A 312 27.12 4.85 3.24
C TYR A 312 27.92 3.99 4.22
N LYS A 313 27.29 3.58 5.31
CA LYS A 313 27.94 2.73 6.31
C LYS A 313 28.52 1.51 5.60
N GLU A 314 28.11 1.36 4.33
CA GLU A 314 28.57 0.27 3.47
C GLU A 314 29.96 0.66 3.02
N THR A 315 30.03 1.57 2.06
CA THR A 315 31.31 2.05 1.55
C THR A 315 32.20 2.39 2.75
N THR A 316 32.03 3.59 3.28
CA THR A 316 32.82 4.02 4.43
C THR A 316 32.78 2.90 5.47
N GLY A 317 33.72 1.97 5.36
CA GLY A 317 33.80 0.85 6.27
C GLY A 317 33.53 1.18 7.73
N LYS A 318 33.80 2.42 8.13
CA LYS A 318 33.56 2.83 9.50
C LYS A 318 32.08 3.12 9.73
N GLU A 319 31.77 3.52 10.95
CA GLU A 319 30.41 3.84 11.36
C GLU A 319 29.95 5.20 10.81
N VAL A 320 28.86 5.70 11.38
CA VAL A 320 28.27 6.98 11.02
C VAL A 320 27.95 7.75 12.29
N ASP A 321 28.62 8.88 12.49
CA ASP A 321 28.33 9.67 13.67
C ASP A 321 27.21 10.64 13.28
N LEU A 322 26.62 11.30 14.28
CA LEU A 322 25.54 12.23 14.03
C LEU A 322 25.81 13.23 12.91
N LYS A 323 26.79 14.09 13.13
CA LYS A 323 27.15 15.12 12.13
C LYS A 323 27.25 14.61 10.69
N GLU A 324 27.79 13.42 10.52
CA GLU A 324 27.94 12.85 9.19
C GLU A 324 26.57 12.63 8.54
N ALA A 325 25.71 11.91 9.25
CA ALA A 325 24.36 11.61 8.78
C ALA A 325 23.58 12.87 8.41
N ILE A 326 23.77 13.93 9.19
CA ILE A 326 23.09 15.20 8.94
C ILE A 326 23.41 15.78 7.56
N LEU A 327 24.65 15.66 7.11
CA LEU A 327 25.04 16.17 5.79
C LEU A 327 24.49 15.21 4.75
N LEU A 328 24.67 13.91 5.00
CA LEU A 328 24.18 12.89 4.10
C LEU A 328 22.66 13.05 3.90
N LEU A 329 21.93 13.22 4.99
CA LEU A 329 20.48 13.38 4.95
C LEU A 329 20.02 14.84 4.88
N LYS A 330 20.41 15.55 3.83
CA LYS A 330 20.00 16.95 3.71
C LYS A 330 18.76 17.11 2.87
N ASP A 331 18.50 16.13 2.01
CA ASP A 331 17.34 16.21 1.16
C ASP A 331 16.12 15.52 1.74
N PHE A 332 16.22 15.15 3.02
CA PHE A 332 15.12 14.50 3.71
C PHE A 332 14.57 15.37 4.81
N ILE A 333 15.32 16.41 5.16
CA ILE A 333 14.89 17.32 6.22
C ILE A 333 14.25 18.59 5.68
N LYS A 334 14.69 19.00 4.49
CA LYS A 334 14.17 20.18 3.84
C LYS A 334 14.25 19.98 2.34
N PRO A 335 13.49 18.99 1.81
CA PRO A 335 13.47 18.69 0.37
C PRO A 335 12.55 19.66 -0.41
MG MG B . 0.80 3.16 -2.80
PB ADP C . 2.10 4.53 0.53
O1B ADP C . 1.01 3.90 1.29
O2B ADP C . 1.79 6.07 0.36
O3B ADP C . 2.25 3.82 -0.91
PA ADP C . 3.92 2.89 1.58
O1A ADP C . 2.90 2.14 2.34
O2A ADP C . 4.17 2.16 0.19
O3A ADP C . 3.47 4.44 1.33
O5' ADP C . 5.30 3.01 2.38
C5' ADP C . 5.67 1.68 2.62
C4' ADP C . 6.99 1.60 3.33
O4' ADP C . 6.95 2.32 4.57
C3' ADP C . 7.23 0.12 3.56
O3' ADP C . 8.44 -0.32 2.92
C2' ADP C . 7.26 -0.06 5.07
O2' ADP C . 8.51 -0.66 5.49
C1' ADP C . 7.07 1.36 5.66
N9 ADP C . 5.92 1.47 6.56
C8 ADP C . 4.73 2.09 6.33
N7 ADP C . 3.95 1.99 7.36
C5 ADP C . 4.57 1.28 8.31
C6 ADP C . 4.25 0.85 9.61
N6 ADP C . 3.03 1.17 10.18
N1 ADP C . 5.15 0.12 10.31
C2 ADP C . 6.34 -0.20 9.78
N3 ADP C . 6.68 0.20 8.56
C4 ADP C . 5.85 0.93 7.81
#